data_4NM2
#
_entry.id   4NM2
#
_cell.length_a   54.731
_cell.length_b   80.202
_cell.length_c   55.109
_cell.angle_alpha   90.00
_cell.angle_beta   106.60
_cell.angle_gamma   90.00
#
_symmetry.space_group_name_H-M   'P 1 21 1'
#
loop_
_entity.id
_entity.type
_entity.pdbx_description
1 polymer 'DNA polymerase beta'
2 polymer "5'-D(*CP*CP*GP*AP*CP*GP*(BGM)P*CP*GP*CP*AP*TP*CP*AP*GP*C)-3'"
3 polymer "5'-D(*GP*CP*TP*GP*AP*TP*GP*CP*GP*GP*C)-3'"
4 polymer "5'-D(P*GP*TP*CP*GP*G)-3'"
5 non-polymer 'SODIUM ION'
6 water water
#
loop_
_entity_poly.entity_id
_entity_poly.type
_entity_poly.pdbx_seq_one_letter_code
_entity_poly.pdbx_strand_id
1 'polypeptide(L)'
;PQETLNGGITDMLTELANFEKNVSQAIHKYNAYRKAASVIAKYPHKIKSGAEAKKLPGVGTKIAEKIDEFLATGKLRKLE
KIRQDDTSSSINFLTRVSGIGPSAARKFVDEGIKTLEDLRKNEDKLNHHQRIGLKYFGDFEKRIPREEMLQMQDIVLNEV
KKVDSEYIATVCGSFRRGAESSGDMDVLLTHPSFTSESTKQPKLLHQVVEQLQKVHFITDTLSKGETKFMGVCQLPSKND
EKEYPHRRIDIRLIPKDQYYCGVLYFTGSDIFNKNMRAHALEKGFTINEYTIRPLGVTGVAGEPLPVDSEKDIFDYIQWK
YREPKDRSE
;
A
2 'polydeoxyribonucleotide' (DC)(DC)(DG)(DA)(DC)(DG)(BGM)(DC)(DG)(DC)(DA)(DT)(DC)(DA)(DG)(DC) T
3 'polydeoxyribonucleotide' (DG)(DC)(DT)(DG)(DA)(DT)(DG)(DC)(DG)(DG)(DC) P
4 'polydeoxyribonucleotide' (DG)(DT)(DC)(DG)(DG) D
#
# COMPACT_ATOMS: atom_id res chain seq x y z
N ASN A 6 -12.63 20.40 5.62
CA ASN A 6 -13.60 19.54 6.41
C ASN A 6 -12.93 18.47 7.30
N GLY A 7 -11.70 18.72 7.75
CA GLY A 7 -10.91 17.75 8.53
C GLY A 7 -11.65 17.14 9.70
N GLY A 8 -12.51 17.93 10.32
CA GLY A 8 -13.37 17.43 11.39
C GLY A 8 -14.14 16.19 10.97
N ILE A 9 -14.71 16.24 9.75
CA ILE A 9 -15.54 15.18 9.15
C ILE A 9 -14.70 14.05 8.56
N THR A 10 -13.63 14.35 7.89
CA THR A 10 -12.88 13.26 7.31
C THR A 10 -12.14 12.47 8.38
N ASP A 11 -11.75 13.11 9.45
CA ASP A 11 -11.19 12.36 10.56
C ASP A 11 -12.20 11.45 11.21
N MET A 12 -13.42 11.96 11.34
CA MET A 12 -14.50 11.21 11.93
C MET A 12 -14.71 9.98 11.07
N LEU A 13 -14.93 10.21 9.78
CA LEU A 13 -15.17 9.16 8.85
C LEU A 13 -14.08 8.10 8.82
N THR A 14 -12.83 8.56 8.96
CA THR A 14 -11.69 7.64 8.92
C THR A 14 -11.58 6.90 10.24
N GLU A 15 -11.93 7.59 11.33
CA GLU A 15 -11.91 6.96 12.66
C GLU A 15 -12.96 5.86 12.64
N LEU A 16 -14.16 6.21 12.17
CA LEU A 16 -15.22 5.22 11.97
C LEU A 16 -14.79 4.08 11.04
N ALA A 17 -14.09 4.43 9.97
CA ALA A 17 -13.58 3.44 9.01
C ALA A 17 -12.76 2.38 9.70
N ASN A 18 -11.86 2.80 10.58
CA ASN A 18 -10.94 1.85 11.18
C ASN A 18 -11.60 0.86 12.14
N PHE A 19 -12.51 1.36 13.00
CA PHE A 19 -13.34 0.49 13.86
C PHE A 19 -14.10 -0.55 13.08
N GLU A 20 -14.65 -0.19 11.92
CA GLU A 20 -15.27 -1.23 11.10
C GLU A 20 -14.25 -2.33 10.67
N LYS A 21 -13.11 -1.89 10.13
CA LYS A 21 -12.09 -2.87 9.72
C LYS A 21 -11.65 -3.68 10.94
N ASN A 22 -11.20 -3.01 11.98
CA ASN A 22 -10.40 -3.66 13.03
C ASN A 22 -11.24 -4.26 14.15
N VAL A 23 -12.33 -3.57 14.49
CA VAL A 23 -13.24 -4.05 15.52
C VAL A 23 -14.47 -4.82 14.99
N SER A 24 -15.35 -4.25 14.16
CA SER A 24 -16.50 -5.07 13.70
C SER A 24 -16.18 -6.16 12.66
N GLN A 25 -14.99 -6.11 12.09
CA GLN A 25 -14.63 -7.00 10.99
C GLN A 25 -15.68 -6.94 9.87
N ALA A 26 -15.97 -5.73 9.45
CA ALA A 26 -16.83 -5.52 8.31
C ALA A 26 -16.04 -4.72 7.26
N ILE A 27 -15.35 -5.47 6.39
CA ILE A 27 -14.40 -4.89 5.45
C ILE A 27 -15.09 -3.87 4.54
N HIS A 28 -16.32 -4.19 4.15
CA HIS A 28 -17.10 -3.39 3.23
C HIS A 28 -17.60 -2.13 3.87
N LYS A 29 -17.87 -2.13 5.15
CA LYS A 29 -18.15 -0.84 5.74
C LYS A 29 -16.86 -0.02 5.92
N TYR A 30 -15.72 -0.68 6.16
CA TYR A 30 -14.45 0.04 6.22
C TYR A 30 -14.28 0.90 4.96
N ASN A 31 -14.34 0.25 3.79
CA ASN A 31 -14.23 0.94 2.50
C ASN A 31 -15.33 1.98 2.22
N ALA A 32 -16.58 1.66 2.61
CA ALA A 32 -17.70 2.57 2.41
C ALA A 32 -17.33 3.89 3.02
N TYR A 33 -16.81 3.86 4.24
CA TYR A 33 -16.39 5.07 4.96
C TYR A 33 -15.15 5.77 4.39
N ARG A 34 -14.22 5.01 3.83
CA ARG A 34 -13.06 5.59 3.16
C ARG A 34 -13.46 6.37 1.93
N LYS A 35 -14.20 5.70 1.04
CA LYS A 35 -14.72 6.31 -0.17
C LYS A 35 -15.37 7.65 0.14
N ALA A 36 -16.12 7.71 1.23
CA ALA A 36 -16.75 8.98 1.65
C ALA A 36 -15.75 9.99 2.22
N ALA A 37 -14.79 9.55 3.03
CA ALA A 37 -13.74 10.47 3.51
C ALA A 37 -13.12 11.08 2.27
N SER A 38 -12.64 10.22 1.39
CA SER A 38 -11.98 10.58 0.15
C SER A 38 -12.76 11.62 -0.67
N VAL A 39 -13.94 11.24 -1.16
CA VAL A 39 -14.75 12.17 -1.94
C VAL A 39 -14.91 13.55 -1.26
N ILE A 40 -15.13 13.55 0.07
CA ILE A 40 -15.27 14.80 0.84
C ILE A 40 -13.93 15.54 0.96
N ALA A 41 -12.84 14.79 1.07
CA ALA A 41 -11.49 15.35 1.26
C ALA A 41 -11.13 16.24 0.09
N LYS A 42 -11.62 15.88 -1.10
CA LYS A 42 -11.31 16.55 -2.35
C LYS A 42 -12.49 17.42 -2.76
N TYR A 43 -13.30 17.84 -1.81
CA TYR A 43 -14.47 18.64 -2.13
C TYR A 43 -14.25 20.04 -1.62
N PRO A 44 -14.15 21.01 -2.55
CA PRO A 44 -13.73 22.41 -2.37
C PRO A 44 -14.63 23.37 -1.57
N HIS A 45 -15.36 22.88 -0.56
CA HIS A 45 -16.16 23.76 0.32
C HIS A 45 -16.27 23.24 1.73
N LYS A 46 -16.33 24.18 2.68
CA LYS A 46 -16.65 23.83 4.05
C LYS A 46 -18.12 23.36 4.08
N ILE A 47 -18.30 22.07 4.40
CA ILE A 47 -19.62 21.44 4.33
C ILE A 47 -20.56 22.00 5.40
N LYS A 48 -21.72 22.49 4.95
CA LYS A 48 -22.67 23.24 5.78
C LYS A 48 -23.78 22.38 6.41
N SER A 49 -24.10 21.27 5.74
CA SER A 49 -25.12 20.32 6.18
C SER A 49 -24.80 18.92 5.62
N GLY A 50 -25.57 17.94 6.09
CA GLY A 50 -25.37 16.54 5.69
C GLY A 50 -26.09 16.31 4.39
N ALA A 51 -27.14 17.11 4.16
CA ALA A 51 -27.82 17.19 2.87
C ALA A 51 -26.86 17.70 1.78
N GLU A 52 -26.14 18.78 2.04
CA GLU A 52 -25.08 19.20 1.10
C GLU A 52 -24.18 18.02 0.68
N ALA A 53 -23.76 17.21 1.64
CA ALA A 53 -22.80 16.14 1.39
C ALA A 53 -23.38 14.95 0.65
N LYS A 54 -24.66 14.64 0.85
CA LYS A 54 -25.22 13.39 0.33
C LYS A 54 -25.19 13.31 -1.20
N LYS A 55 -25.11 14.48 -1.84
CA LYS A 55 -24.93 14.63 -3.29
C LYS A 55 -23.71 13.87 -3.76
N LEU A 56 -22.63 13.96 -2.99
CA LEU A 56 -21.38 13.36 -3.39
C LEU A 56 -21.55 11.86 -3.46
N PRO A 57 -20.95 11.24 -4.46
CA PRO A 57 -21.22 9.80 -4.59
C PRO A 57 -20.47 9.06 -3.48
N GLY A 58 -21.12 8.06 -2.88
CA GLY A 58 -20.55 7.32 -1.75
C GLY A 58 -20.89 7.90 -0.38
N VAL A 59 -21.49 9.09 -0.35
CA VAL A 59 -22.10 9.66 0.86
C VAL A 59 -23.60 9.37 0.75
N GLY A 60 -24.07 8.47 1.62
CA GLY A 60 -25.47 8.07 1.66
C GLY A 60 -26.13 8.60 2.91
N THR A 61 -27.25 7.98 3.29
CA THR A 61 -28.11 8.52 4.35
C THR A 61 -27.47 8.51 5.74
N LYS A 62 -26.90 7.39 6.13
CA LYS A 62 -26.39 7.30 7.49
C LYS A 62 -25.23 8.26 7.73
N ILE A 63 -24.37 8.42 6.72
CA ILE A 63 -23.29 9.39 6.86
C ILE A 63 -23.83 10.81 6.83
N ALA A 64 -24.88 11.03 6.05
CA ALA A 64 -25.50 12.35 6.01
C ALA A 64 -25.95 12.79 7.40
N GLU A 65 -26.50 11.85 8.18
CA GLU A 65 -26.96 12.12 9.56
C GLU A 65 -25.79 12.31 10.49
N LYS A 66 -24.73 11.55 10.24
CA LYS A 66 -23.56 11.70 11.06
C LYS A 66 -22.96 13.08 10.88
N ILE A 67 -22.86 13.56 9.64
CA ILE A 67 -22.39 14.95 9.41
C ILE A 67 -23.23 15.91 10.24
N ASP A 68 -24.54 15.83 10.07
CA ASP A 68 -25.49 16.68 10.76
C ASP A 68 -25.30 16.74 12.28
N GLU A 69 -25.01 15.58 12.89
CA GLU A 69 -24.67 15.48 14.31
C GLU A 69 -23.27 16.02 14.62
N PHE A 70 -22.35 15.87 13.67
CA PHE A 70 -21.03 16.42 13.90
C PHE A 70 -21.11 17.93 13.88
N LEU A 71 -21.86 18.47 12.92
CA LEU A 71 -21.90 19.90 12.64
C LEU A 71 -22.60 20.67 13.73
N ALA A 72 -23.63 20.06 14.30
CA ALA A 72 -24.41 20.66 15.35
C ALA A 72 -23.73 20.52 16.71
N THR A 73 -22.96 19.45 16.92
CA THR A 73 -22.42 19.19 18.25
C THR A 73 -20.89 18.98 18.34
N GLY A 74 -20.19 18.99 17.20
CA GLY A 74 -18.74 18.75 17.21
C GLY A 74 -18.31 17.35 17.65
N LYS A 75 -19.26 16.41 17.72
CA LYS A 75 -18.90 15.02 17.97
C LYS A 75 -19.91 14.03 17.42
N LEU A 76 -19.59 12.76 17.59
CA LEU A 76 -20.56 11.73 17.38
C LEU A 76 -20.71 10.89 18.63
N ARG A 77 -21.94 10.75 19.12
CA ARG A 77 -22.20 9.96 20.33
C ARG A 77 -21.58 8.57 20.28
N LYS A 78 -21.78 7.86 19.15
CA LYS A 78 -21.30 6.48 18.98
C LYS A 78 -19.79 6.43 19.00
N LEU A 79 -19.17 7.50 18.51
CA LEU A 79 -17.72 7.56 18.37
C LEU A 79 -17.04 7.83 19.71
N GLU A 80 -17.40 8.96 20.36
CA GLU A 80 -17.03 9.19 21.76
C GLU A 80 -17.20 7.88 22.53
N LYS A 81 -18.37 7.27 22.45
CA LYS A 81 -18.64 6.07 23.24
C LYS A 81 -17.66 4.95 22.96
N ILE A 82 -17.38 4.69 21.67
CA ILE A 82 -16.43 3.64 21.33
C ILE A 82 -14.95 3.98 21.67
N ARG A 83 -14.54 5.26 21.58
CA ARG A 83 -13.18 5.66 21.99
C ARG A 83 -12.84 5.32 23.44
N GLN A 84 -13.86 5.35 24.29
CA GLN A 84 -13.64 5.10 25.73
C GLN A 84 -13.75 3.62 26.10
N ASP A 85 -14.15 2.80 25.13
CA ASP A 85 -14.33 1.37 25.36
C ASP A 85 -12.98 0.66 25.45
N ASP A 86 -12.57 0.20 26.64
CA ASP A 86 -11.22 -0.40 26.79
C ASP A 86 -11.00 -1.53 25.77
N THR A 87 -11.99 -2.42 25.64
CA THR A 87 -11.86 -3.55 24.74
C THR A 87 -11.64 -3.04 23.32
N SER A 88 -12.64 -2.37 22.79
CA SER A 88 -12.63 -2.01 21.42
C SER A 88 -11.47 -1.11 20.99
N SER A 89 -11.04 -0.20 21.85
CA SER A 89 -10.14 0.82 21.45
C SER A 89 -8.76 0.20 21.45
N SER A 90 -8.61 -0.86 22.24
CA SER A 90 -7.40 -1.67 22.30
C SER A 90 -7.30 -2.63 21.11
N ILE A 91 -8.41 -3.21 20.70
CA ILE A 91 -8.41 -4.05 19.54
C ILE A 91 -8.01 -3.17 18.34
N ASN A 92 -8.66 -2.01 18.17
CA ASN A 92 -8.24 -1.07 17.15
C ASN A 92 -6.74 -0.70 17.22
N PHE A 93 -6.22 -0.45 18.40
CA PHE A 93 -4.85 0.06 18.52
C PHE A 93 -3.80 -0.98 18.12
N LEU A 94 -3.95 -2.21 18.62
CA LEU A 94 -2.98 -3.27 18.40
C LEU A 94 -2.78 -3.66 16.92
N THR A 95 -3.77 -3.37 16.10
CA THR A 95 -3.74 -3.76 14.70
C THR A 95 -2.76 -2.84 13.98
N ARG A 96 -2.35 -1.77 14.67
CA ARG A 96 -1.34 -0.88 14.15
C ARG A 96 0.06 -1.55 14.08
N VAL A 97 0.28 -2.62 14.85
CA VAL A 97 1.48 -3.41 14.75
C VAL A 97 1.41 -4.25 13.49
N SER A 98 2.41 -4.15 12.61
CA SER A 98 2.35 -4.93 11.37
C SER A 98 2.41 -6.40 11.67
N GLY A 99 1.42 -7.14 11.14
CA GLY A 99 1.31 -8.60 11.34
C GLY A 99 0.21 -8.96 12.35
N ILE A 100 -0.24 -7.95 13.12
CA ILE A 100 -1.45 -8.10 13.90
C ILE A 100 -2.58 -7.48 13.12
N GLY A 101 -3.49 -8.31 12.63
CA GLY A 101 -4.74 -7.83 12.02
C GLY A 101 -5.89 -8.05 13.01
N PRO A 102 -7.12 -7.81 12.56
CA PRO A 102 -8.31 -7.87 13.43
C PRO A 102 -8.48 -9.18 14.25
N SER A 103 -8.34 -10.33 13.60
CA SER A 103 -8.47 -11.58 14.30
C SER A 103 -7.49 -11.72 15.45
N ALA A 104 -6.24 -11.32 15.23
CA ALA A 104 -5.24 -11.57 16.23
C ALA A 104 -5.29 -10.48 17.31
N ALA A 105 -5.55 -9.24 16.93
CA ALA A 105 -5.77 -8.21 17.94
C ALA A 105 -6.88 -8.61 18.94
N ARG A 106 -7.97 -9.18 18.42
CA ARG A 106 -9.10 -9.58 19.23
C ARG A 106 -8.70 -10.67 20.21
N LYS A 107 -8.09 -11.72 19.69
CA LYS A 107 -7.69 -12.86 20.53
C LYS A 107 -6.79 -12.38 21.65
N PHE A 108 -5.91 -11.42 21.33
CA PHE A 108 -5.03 -10.88 22.33
C PHE A 108 -5.85 -10.23 23.40
N VAL A 109 -6.71 -9.30 23.02
CA VAL A 109 -7.44 -8.52 24.01
C VAL A 109 -8.34 -9.40 24.89
N ASP A 110 -8.79 -10.52 24.33
CA ASP A 110 -9.54 -11.54 25.05
C ASP A 110 -8.74 -12.00 26.25
N GLU A 111 -7.45 -12.31 26.05
CA GLU A 111 -6.60 -12.76 27.15
C GLU A 111 -5.84 -11.65 27.87
N GLY A 112 -6.28 -10.41 27.74
CA GLY A 112 -5.71 -9.30 28.50
C GLY A 112 -4.53 -8.55 27.89
N ILE A 113 -4.09 -8.98 26.70
CA ILE A 113 -2.99 -8.33 26.04
C ILE A 113 -3.52 -7.09 25.30
N LYS A 114 -3.31 -5.90 25.86
CA LYS A 114 -3.93 -4.69 25.30
C LYS A 114 -2.96 -3.56 24.89
N THR A 115 -1.71 -3.61 25.32
CA THR A 115 -0.77 -2.52 25.07
C THR A 115 0.48 -3.08 24.38
N LEU A 116 1.35 -2.23 23.86
CA LEU A 116 2.67 -2.71 23.38
C LEU A 116 3.43 -3.43 24.50
N GLU A 117 3.50 -2.76 25.65
CA GLU A 117 3.99 -3.39 26.88
C GLU A 117 3.50 -4.83 26.98
N ASP A 118 2.20 -5.04 26.80
CA ASP A 118 1.64 -6.38 27.02
C ASP A 118 2.22 -7.36 26.00
N LEU A 119 2.41 -6.88 24.77
CA LEU A 119 3.03 -7.68 23.70
C LEU A 119 4.47 -7.96 24.07
N ARG A 120 5.18 -6.93 24.55
CA ARG A 120 6.57 -7.10 25.00
C ARG A 120 6.76 -8.21 26.02
N LYS A 121 5.80 -8.39 26.92
CA LYS A 121 5.90 -9.44 27.94
C LYS A 121 5.37 -10.77 27.43
N ASN A 122 5.01 -10.80 26.15
CA ASN A 122 4.37 -12.00 25.62
C ASN A 122 4.89 -12.36 24.23
N GLU A 123 6.19 -12.10 24.03
CA GLU A 123 6.88 -12.45 22.79
C GLU A 123 6.57 -13.89 22.32
N ASP A 124 6.37 -14.81 23.27
CA ASP A 124 6.23 -16.23 22.93
C ASP A 124 4.93 -16.53 22.21
N LYS A 125 3.99 -15.61 22.33
CA LYS A 125 2.66 -15.74 21.77
C LYS A 125 2.57 -14.91 20.48
N LEU A 126 3.70 -14.34 20.05
CA LEU A 126 3.78 -13.65 18.76
C LEU A 126 4.44 -14.53 17.68
N ASN A 127 4.08 -14.36 16.42
CA ASN A 127 4.77 -15.06 15.34
C ASN A 127 5.91 -14.16 14.86
N HIS A 128 6.78 -14.69 14.01
CA HIS A 128 7.90 -13.91 13.45
C HIS A 128 7.55 -12.53 12.97
N HIS A 129 6.44 -12.40 12.23
CA HIS A 129 6.05 -11.13 11.61
C HIS A 129 5.77 -10.12 12.66
N GLN A 130 5.06 -10.56 13.70
CA GLN A 130 4.59 -9.64 14.74
C GLN A 130 5.72 -9.13 15.61
N ARG A 131 6.70 -9.99 15.96
CA ARG A 131 7.95 -9.51 16.65
C ARG A 131 8.60 -8.38 15.88
N ILE A 132 8.75 -8.55 14.59
CA ILE A 132 9.38 -7.52 13.78
C ILE A 132 8.50 -6.29 13.76
N GLY A 133 7.20 -6.45 13.53
CA GLY A 133 6.31 -5.28 13.63
C GLY A 133 6.43 -4.55 14.96
N LEU A 134 6.33 -5.30 16.05
CA LEU A 134 6.47 -4.74 17.38
C LEU A 134 7.78 -3.99 17.56
N LYS A 135 8.87 -4.65 17.21
CA LYS A 135 10.19 -4.09 17.33
C LYS A 135 10.38 -2.79 16.60
N TYR A 136 9.66 -2.58 15.50
CA TYR A 136 9.88 -1.38 14.69
C TYR A 136 8.57 -0.59 14.61
N PHE A 137 7.79 -0.68 15.68
CA PHE A 137 6.43 -0.17 15.67
C PHE A 137 6.40 1.28 15.21
N GLY A 138 7.35 2.08 15.71
CA GLY A 138 7.37 3.53 15.43
C GLY A 138 8.15 3.89 14.18
N ASP A 139 9.18 3.12 13.88
CA ASP A 139 9.88 3.34 12.63
C ASP A 139 8.87 3.09 11.55
N PHE A 140 8.08 2.01 11.66
CA PHE A 140 7.13 1.71 10.61
C PHE A 140 6.10 2.76 10.31
N GLU A 141 5.75 3.57 11.32
CA GLU A 141 4.79 4.65 11.14
C GLU A 141 5.43 5.96 10.69
N LYS A 142 6.76 5.99 10.54
CA LYS A 142 7.42 7.22 10.07
C LYS A 142 7.46 7.27 8.53
N ARG A 143 7.41 8.47 7.98
CA ARG A 143 7.54 8.60 6.54
C ARG A 143 9.01 8.67 6.15
N ILE A 144 9.23 8.54 4.84
CA ILE A 144 10.56 8.53 4.28
C ILE A 144 10.69 9.73 3.36
N PRO A 145 11.66 10.61 3.64
CA PRO A 145 11.95 11.64 2.66
C PRO A 145 12.54 11.05 1.37
N ARG A 146 12.12 11.63 0.23
CA ARG A 146 12.65 11.37 -1.09
C ARG A 146 14.18 11.20 -1.05
N GLU A 147 14.87 12.14 -0.39
CA GLU A 147 16.33 12.09 -0.24
C GLU A 147 16.82 10.72 0.23
N GLU A 148 16.26 10.25 1.34
CA GLU A 148 16.56 8.93 1.87
C GLU A 148 16.17 7.85 0.89
N MET A 149 15.10 8.06 0.14
CA MET A 149 14.70 7.11 -0.85
C MET A 149 15.75 7.04 -1.95
N LEU A 150 16.15 8.20 -2.51
CA LEU A 150 17.26 8.21 -3.45
C LEU A 150 18.45 7.46 -2.87
N GLN A 151 18.89 7.83 -1.67
CA GLN A 151 19.97 7.06 -1.01
C GLN A 151 19.72 5.55 -0.97
N MET A 152 18.46 5.14 -0.77
CA MET A 152 18.12 3.72 -0.73
C MET A 152 18.14 3.08 -2.13
N GLN A 153 17.65 3.84 -3.11
CA GLN A 153 17.67 3.44 -4.51
C GLN A 153 19.09 3.16 -5.00
N ASP A 154 19.98 4.12 -4.79
CA ASP A 154 21.41 3.93 -5.01
C ASP A 154 21.91 2.55 -4.51
N ILE A 155 21.65 2.25 -3.23
CA ILE A 155 22.13 0.99 -2.69
C ILE A 155 21.56 -0.24 -3.44
N VAL A 156 20.28 -0.17 -3.83
CA VAL A 156 19.59 -1.33 -4.37
C VAL A 156 19.98 -1.61 -5.81
N LEU A 157 19.93 -0.55 -6.63
CA LEU A 157 20.33 -0.57 -8.03
C LEU A 157 21.79 -0.96 -8.16
N ASN A 158 22.67 -0.32 -7.39
CA ASN A 158 24.05 -0.79 -7.37
C ASN A 158 24.16 -2.28 -7.08
N GLU A 159 23.63 -2.72 -5.95
CA GLU A 159 23.78 -4.12 -5.51
C GLU A 159 23.13 -5.16 -6.43
N VAL A 160 21.97 -4.84 -6.98
CA VAL A 160 21.37 -5.70 -7.98
C VAL A 160 22.30 -5.88 -9.21
N LYS A 161 22.79 -4.77 -9.78
CA LYS A 161 23.62 -4.84 -10.97
C LYS A 161 24.84 -5.71 -10.64
N LYS A 162 25.41 -5.53 -9.44
CA LYS A 162 26.52 -6.35 -8.95
C LYS A 162 26.22 -7.85 -8.75
N VAL A 163 24.98 -8.25 -8.51
CA VAL A 163 24.70 -9.69 -8.53
C VAL A 163 24.73 -10.26 -9.97
N ASP A 164 24.04 -9.58 -10.89
CA ASP A 164 24.03 -9.94 -12.29
C ASP A 164 23.71 -8.66 -13.07
N SER A 165 24.63 -8.28 -13.97
CA SER A 165 24.50 -7.08 -14.84
C SER A 165 23.19 -7.05 -15.65
N GLU A 166 22.61 -8.23 -15.81
CA GLU A 166 21.47 -8.44 -16.71
C GLU A 166 20.07 -8.23 -16.10
N TYR A 167 19.97 -8.33 -14.78
CA TYR A 167 18.80 -7.88 -14.00
C TYR A 167 18.32 -6.48 -14.35
N ILE A 168 17.02 -6.25 -14.24
CA ILE A 168 16.47 -4.90 -14.32
C ILE A 168 15.70 -4.65 -13.03
N ALA A 169 16.04 -3.57 -12.32
CA ALA A 169 15.23 -3.17 -11.13
C ALA A 169 14.69 -1.77 -11.22
N THR A 170 13.40 -1.65 -10.95
CA THR A 170 12.70 -0.35 -10.92
C THR A 170 12.10 -0.19 -9.55
N VAL A 171 12.25 1.00 -8.98
CA VAL A 171 11.59 1.39 -7.74
C VAL A 171 10.35 2.17 -8.13
N CYS A 172 9.20 1.67 -7.75
CA CYS A 172 7.96 2.22 -8.18
C CYS A 172 7.31 3.00 -7.07
N GLY A 173 6.04 2.72 -6.82
CA GLY A 173 5.28 3.37 -5.77
C GLY A 173 5.10 4.80 -6.20
N SER A 174 4.78 5.66 -5.22
CA SER A 174 4.57 7.07 -5.45
C SER A 174 5.90 7.76 -5.67
N PHE A 175 6.94 7.26 -5.01
CA PHE A 175 8.30 7.77 -5.24
C PHE A 175 8.69 7.95 -6.72
N ARG A 176 8.39 6.96 -7.57
CA ARG A 176 8.65 7.04 -9.02
C ARG A 176 7.84 8.19 -9.63
N ARG A 177 6.68 8.48 -9.04
CA ARG A 177 5.84 9.60 -9.49
C ARG A 177 6.31 10.96 -8.97
N GLY A 178 7.47 11.02 -8.33
CA GLY A 178 8.06 12.28 -7.86
C GLY A 178 7.64 12.74 -6.47
N ALA A 179 6.87 11.90 -5.77
CA ALA A 179 6.39 12.17 -4.39
C ALA A 179 7.50 12.60 -3.43
N GLU A 180 7.25 13.69 -2.68
CA GLU A 180 8.22 14.26 -1.74
C GLU A 180 8.59 13.37 -0.57
N SER A 181 7.84 12.28 -0.39
CA SER A 181 8.06 11.33 0.70
C SER A 181 7.36 10.02 0.36
N SER A 182 7.87 8.90 0.89
CA SER A 182 7.25 7.59 0.70
C SER A 182 6.96 6.90 2.05
N GLY A 183 6.13 5.87 2.00
CA GLY A 183 5.80 5.07 3.18
C GLY A 183 6.68 3.81 3.35
N ASP A 184 7.12 3.26 2.22
CA ASP A 184 7.96 2.08 2.17
C ASP A 184 8.63 2.10 0.79
N MET A 185 9.45 1.10 0.49
CA MET A 185 10.07 0.96 -0.83
C MET A 185 9.56 -0.29 -1.47
N ASP A 186 9.10 -0.11 -2.71
CA ASP A 186 8.55 -1.20 -3.48
C ASP A 186 9.42 -1.38 -4.72
N VAL A 187 10.11 -2.51 -4.79
CA VAL A 187 11.06 -2.74 -5.85
C VAL A 187 10.59 -3.87 -6.76
N LEU A 188 10.49 -3.58 -8.06
CA LEU A 188 10.14 -4.64 -8.98
C LEU A 188 11.35 -5.14 -9.74
N LEU A 189 11.52 -6.45 -9.70
CA LEU A 189 12.76 -7.03 -10.18
C LEU A 189 12.40 -8.07 -11.22
N THR A 190 13.07 -8.01 -12.37
CA THR A 190 12.94 -9.04 -13.41
C THR A 190 14.33 -9.36 -14.02
N HIS A 191 14.38 -10.36 -14.91
CA HIS A 191 15.63 -10.90 -15.49
C HIS A 191 15.26 -11.69 -16.72
N PRO A 192 16.04 -11.53 -17.82
CA PRO A 192 15.80 -12.16 -19.15
C PRO A 192 15.58 -13.68 -19.13
N SER A 193 16.20 -14.35 -18.17
CA SER A 193 16.02 -15.79 -18.03
C SER A 193 14.71 -16.15 -17.31
N PHE A 194 13.87 -15.16 -17.02
CA PHE A 194 12.62 -15.42 -16.30
C PHE A 194 11.38 -14.86 -17.03
N THR A 195 10.70 -15.75 -17.73
CA THR A 195 9.49 -15.42 -18.47
C THR A 195 8.37 -16.32 -17.96
N SER A 196 7.13 -15.99 -18.31
CA SER A 196 5.97 -16.80 -17.94
C SER A 196 6.16 -18.33 -18.19
N GLU A 197 7.01 -18.67 -19.16
CA GLU A 197 7.31 -20.07 -19.46
C GLU A 197 8.71 -20.54 -18.96
N SER A 198 9.32 -19.80 -18.02
CA SER A 198 10.67 -20.11 -17.51
C SER A 198 10.70 -20.49 -16.02
N GLN A 201 15.49 -19.99 -12.58
CA GLN A 201 16.05 -20.51 -11.35
C GLN A 201 15.32 -19.89 -10.14
N PRO A 202 15.08 -20.71 -9.08
CA PRO A 202 14.55 -20.44 -7.72
C PRO A 202 15.50 -19.55 -6.90
N LYS A 203 16.68 -19.26 -7.48
CA LYS A 203 17.83 -18.52 -7.01
C LYS A 203 17.73 -17.04 -7.29
N LEU A 204 16.83 -16.66 -8.20
CA LEU A 204 16.83 -15.30 -8.74
C LEU A 204 16.47 -14.23 -7.73
N LEU A 205 15.45 -14.50 -6.92
CA LEU A 205 15.10 -13.53 -5.90
C LEU A 205 16.06 -13.70 -4.72
N HIS A 206 16.37 -14.95 -4.42
CA HIS A 206 17.23 -15.27 -3.28
C HIS A 206 18.60 -14.63 -3.35
N GLN A 207 19.21 -14.62 -4.53
CA GLN A 207 20.53 -14.03 -4.71
C GLN A 207 20.59 -12.53 -4.54
N VAL A 208 19.49 -11.85 -4.85
CA VAL A 208 19.42 -10.39 -4.69
C VAL A 208 19.23 -10.03 -3.23
N VAL A 209 18.34 -10.75 -2.54
CA VAL A 209 18.14 -10.58 -1.11
C VAL A 209 19.44 -10.94 -0.38
N GLU A 210 20.00 -12.11 -0.67
CA GLU A 210 21.32 -12.46 -0.11
C GLU A 210 22.37 -11.34 -0.18
N GLN A 211 22.54 -10.73 -1.35
CA GLN A 211 23.47 -9.63 -1.54
C GLN A 211 23.15 -8.41 -0.67
N LEU A 212 21.89 -7.98 -0.67
CA LEU A 212 21.47 -6.83 0.14
C LEU A 212 21.55 -7.05 1.67
N GLN A 213 21.49 -8.31 2.10
CA GLN A 213 21.86 -8.65 3.48
C GLN A 213 23.37 -8.57 3.68
N LYS A 214 24.13 -9.16 2.74
CA LYS A 214 25.59 -9.16 2.91
C LYS A 214 26.13 -7.78 3.26
N VAL A 215 25.53 -6.75 2.66
CA VAL A 215 25.99 -5.39 2.88
C VAL A 215 25.14 -4.68 3.92
N HIS A 216 24.40 -5.47 4.70
CA HIS A 216 23.65 -4.95 5.88
C HIS A 216 22.68 -3.87 5.48
N PHE A 217 22.09 -4.02 4.31
CA PHE A 217 21.06 -3.11 3.91
C PHE A 217 19.72 -3.69 4.38
N ILE A 218 19.45 -4.94 4.03
CA ILE A 218 18.31 -5.67 4.57
C ILE A 218 18.64 -6.18 5.97
N THR A 219 17.84 -5.78 6.96
CA THR A 219 18.04 -6.15 8.36
C THR A 219 17.15 -7.31 8.88
N ASP A 220 15.89 -7.40 8.44
CA ASP A 220 15.01 -8.53 8.86
C ASP A 220 14.12 -9.03 7.74
N THR A 221 13.51 -10.19 7.94
CA THR A 221 12.61 -10.76 6.93
C THR A 221 11.19 -11.01 7.41
N LEU A 222 10.20 -10.33 6.84
CA LEU A 222 8.80 -10.62 7.23
C LEU A 222 8.37 -11.91 6.56
N SER A 223 8.68 -12.02 5.27
CA SER A 223 8.39 -13.25 4.55
C SER A 223 9.24 -13.31 3.29
N LYS A 224 9.43 -14.50 2.71
CA LYS A 224 10.25 -14.59 1.50
C LYS A 224 9.96 -15.84 0.70
N GLY A 225 9.74 -15.68 -0.60
CA GLY A 225 9.47 -16.83 -1.44
C GLY A 225 10.23 -16.73 -2.73
N GLU A 226 9.90 -17.61 -3.68
CA GLU A 226 10.47 -17.61 -5.01
C GLU A 226 10.19 -16.34 -5.82
N THR A 227 9.05 -15.66 -5.56
CA THR A 227 8.72 -14.48 -6.33
C THR A 227 8.42 -13.19 -5.53
N LYS A 228 8.19 -13.31 -4.23
CA LYS A 228 8.03 -12.10 -3.43
C LYS A 228 8.76 -12.04 -2.07
N PHE A 229 9.50 -10.96 -1.87
CA PHE A 229 10.14 -10.74 -0.59
C PHE A 229 9.59 -9.50 0.06
N MET A 230 9.40 -9.58 1.39
CA MET A 230 8.92 -8.46 2.19
C MET A 230 9.78 -8.40 3.40
N GLY A 231 10.39 -7.25 3.66
CA GLY A 231 11.12 -7.18 4.88
C GLY A 231 11.46 -5.80 5.30
N VAL A 232 12.67 -5.65 5.85
CA VAL A 232 13.04 -4.42 6.51
C VAL A 232 14.45 -4.04 6.12
N CYS A 233 14.68 -2.73 5.94
CA CYS A 233 15.97 -2.21 5.56
C CYS A 233 16.42 -0.95 6.32
N GLN A 234 17.68 -0.55 6.13
CA GLN A 234 18.23 0.64 6.84
C GLN A 234 19.52 1.27 6.24
N LEU A 235 19.46 2.52 5.81
CA LEU A 235 20.66 3.22 5.38
C LEU A 235 21.78 3.18 6.44
N PRO A 236 23.05 3.11 6.01
CA PRO A 236 24.10 3.03 7.02
C PRO A 236 24.25 4.39 7.68
N SER A 237 24.37 4.42 9.01
CA SER A 237 24.39 5.69 9.74
C SER A 237 25.61 6.51 9.36
N LYS A 238 25.34 7.75 8.94
CA LYS A 238 26.35 8.69 8.43
C LYS A 238 27.41 9.02 9.46
N ASP A 240 29.03 9.43 12.67
CA ASP A 240 28.80 9.93 14.02
C ASP A 240 27.33 10.27 14.29
N GLU A 241 26.52 10.38 13.23
CA GLU A 241 25.15 10.90 13.32
C GLU A 241 24.13 9.92 13.93
N LYS A 242 22.97 10.47 14.28
CA LYS A 242 21.83 9.70 14.78
C LYS A 242 21.33 8.79 13.66
N GLU A 243 21.18 7.51 13.99
CA GLU A 243 20.87 6.49 12.99
C GLU A 243 19.48 6.63 12.33
N TYR A 244 19.39 6.09 11.13
CA TYR A 244 18.19 6.11 10.33
C TYR A 244 17.11 5.13 10.87
N PRO A 245 15.82 5.51 10.70
CA PRO A 245 14.79 4.54 11.04
C PRO A 245 14.84 3.28 10.13
N HIS A 246 14.39 2.15 10.67
CA HIS A 246 14.16 0.95 9.86
C HIS A 246 12.96 1.15 8.96
N ARG A 247 13.04 0.61 7.74
CA ARG A 247 12.08 0.94 6.72
C ARG A 247 11.52 -0.30 6.12
N ARG A 248 10.23 -0.27 5.79
CA ARG A 248 9.64 -1.37 5.07
C ARG A 248 10.14 -1.40 3.65
N ILE A 249 10.56 -2.57 3.19
CA ILE A 249 10.88 -2.73 1.77
C ILE A 249 10.33 -4.04 1.26
N ASP A 250 9.70 -4.02 0.10
CA ASP A 250 9.30 -5.24 -0.58
C ASP A 250 10.03 -5.33 -1.87
N ILE A 251 10.20 -6.55 -2.34
CA ILE A 251 10.87 -6.80 -3.60
C ILE A 251 10.16 -7.93 -4.28
N ARG A 252 9.78 -7.70 -5.54
CA ARG A 252 9.06 -8.72 -6.31
C ARG A 252 9.76 -9.09 -7.59
N LEU A 253 9.83 -10.39 -7.84
CA LEU A 253 10.37 -10.91 -9.09
C LEU A 253 9.21 -11.19 -10.02
N ILE A 254 9.19 -10.49 -11.14
CA ILE A 254 8.20 -10.65 -12.17
C ILE A 254 8.83 -11.19 -13.44
N PRO A 255 8.13 -12.11 -14.15
CA PRO A 255 8.56 -12.60 -15.45
C PRO A 255 8.79 -11.47 -16.43
N LYS A 256 9.84 -11.61 -17.25
CA LYS A 256 10.34 -10.49 -18.06
C LYS A 256 9.26 -9.90 -18.97
N ASP A 257 8.32 -10.74 -19.39
CA ASP A 257 7.22 -10.36 -20.26
C ASP A 257 5.95 -9.90 -19.52
N GLN A 258 6.08 -9.55 -18.23
CA GLN A 258 4.93 -9.00 -17.45
C GLN A 258 5.39 -7.85 -16.55
N TYR A 259 6.69 -7.57 -16.63
CA TYR A 259 7.35 -6.50 -15.88
C TYR A 259 6.73 -5.12 -16.11
N TYR A 260 6.56 -4.75 -17.37
CA TYR A 260 6.13 -3.39 -17.65
C TYR A 260 4.66 -3.13 -17.33
N CYS A 261 3.88 -4.20 -17.36
CA CYS A 261 2.57 -4.21 -16.73
C CYS A 261 2.72 -3.99 -15.23
N GLY A 262 3.54 -4.84 -14.60
CA GLY A 262 3.86 -4.67 -13.17
C GLY A 262 4.27 -3.24 -12.83
N VAL A 263 5.27 -2.74 -13.55
CA VAL A 263 5.79 -1.41 -13.30
C VAL A 263 4.67 -0.38 -13.36
N LEU A 264 3.87 -0.40 -14.42
CA LEU A 264 2.76 0.54 -14.49
C LEU A 264 1.82 0.38 -13.30
N TYR A 265 1.37 -0.85 -13.07
CA TYR A 265 0.41 -1.09 -12.01
C TYR A 265 0.97 -0.62 -10.67
N PHE A 266 2.21 -0.99 -10.39
CA PHE A 266 2.77 -0.73 -9.07
C PHE A 266 3.31 0.67 -8.92
N THR A 267 3.18 1.42 -10.01
CA THR A 267 3.40 2.86 -10.02
C THR A 267 2.15 3.67 -9.58
N GLY A 268 0.96 3.18 -9.96
CA GLY A 268 -0.29 3.90 -9.72
C GLY A 268 -0.36 5.29 -10.33
N SER A 269 -1.10 6.20 -9.68
CA SER A 269 -1.82 5.94 -8.43
C SER A 269 -3.11 5.13 -8.63
N ASP A 270 -3.91 5.01 -7.57
CA ASP A 270 -5.24 4.44 -7.69
C ASP A 270 -6.04 5.24 -8.71
N ILE A 271 -6.39 6.48 -8.35
CA ILE A 271 -7.20 7.36 -9.17
C ILE A 271 -6.74 7.35 -10.62
N PHE A 272 -5.46 7.04 -10.85
CA PHE A 272 -4.97 6.90 -12.21
C PHE A 272 -5.43 5.60 -12.86
N ASN A 273 -5.21 4.48 -12.17
CA ASN A 273 -5.47 3.16 -12.73
C ASN A 273 -6.97 2.89 -12.98
N LYS A 274 -7.83 3.51 -12.17
CA LYS A 274 -9.27 3.52 -12.41
C LYS A 274 -9.58 4.07 -13.81
N ASN A 275 -9.30 5.36 -14.04
CA ASN A 275 -9.48 6.03 -15.34
C ASN A 275 -8.89 5.25 -16.50
N MET A 276 -7.67 4.73 -16.31
CA MET A 276 -6.98 3.99 -17.35
C MET A 276 -7.62 2.63 -17.61
N ARG A 277 -8.15 2.00 -16.57
CA ARG A 277 -8.88 0.75 -16.76
C ARG A 277 -10.31 1.01 -17.27
N ALA A 278 -10.81 2.23 -17.08
CA ALA A 278 -12.10 2.65 -17.65
C ALA A 278 -11.99 3.19 -19.09
N HIS A 279 -10.79 3.65 -19.46
CA HIS A 279 -10.49 4.06 -20.85
C HIS A 279 -10.08 2.88 -21.68
N ALA A 280 -9.32 1.98 -21.07
CA ALA A 280 -8.94 0.72 -21.70
C ALA A 280 -10.18 -0.04 -22.14
N LEU A 281 -11.21 -0.02 -21.28
CA LEU A 281 -12.52 -0.61 -21.56
C LEU A 281 -13.23 0.06 -22.76
N GLU A 282 -13.24 1.40 -22.77
CA GLU A 282 -13.76 2.23 -23.87
C GLU A 282 -13.16 1.84 -25.23
N LYS A 283 -11.84 1.98 -25.36
CA LYS A 283 -11.13 1.54 -26.58
C LYS A 283 -11.01 0.03 -26.60
N GLY A 284 -11.66 -0.63 -25.64
CA GLY A 284 -12.04 -2.06 -25.74
C GLY A 284 -11.21 -3.15 -25.08
N PHE A 285 -10.32 -2.75 -24.17
CA PHE A 285 -9.34 -3.66 -23.55
C PHE A 285 -9.56 -3.86 -22.03
N THR A 286 -8.89 -4.88 -21.49
CA THR A 286 -8.90 -5.16 -20.05
C THR A 286 -7.43 -5.23 -19.57
N ILE A 287 -7.06 -4.35 -18.64
CA ILE A 287 -5.63 -4.14 -18.29
C ILE A 287 -5.30 -4.36 -16.81
N ASN A 288 -4.82 -5.57 -16.47
CA ASN A 288 -4.44 -5.92 -15.08
C ASN A 288 -2.93 -5.79 -14.80
N GLU A 289 -2.51 -6.14 -13.57
CA GLU A 289 -1.11 -5.99 -13.18
C GLU A 289 -0.19 -6.86 -14.03
N TYR A 290 -0.75 -7.88 -14.67
CA TYR A 290 0.02 -8.87 -15.43
C TYR A 290 -0.01 -8.66 -16.94
N THR A 291 -1.17 -8.30 -17.47
CA THR A 291 -1.43 -8.35 -18.92
C THR A 291 -2.44 -7.30 -19.38
N ILE A 292 -2.45 -7.01 -20.69
CA ILE A 292 -3.63 -6.44 -21.36
C ILE A 292 -4.19 -7.47 -22.32
N ARG A 293 -5.51 -7.65 -22.28
CA ARG A 293 -6.18 -8.51 -23.24
C ARG A 293 -7.26 -7.74 -24.01
N PRO A 294 -7.42 -8.06 -25.31
CA PRO A 294 -8.47 -7.51 -26.18
C PRO A 294 -9.76 -8.31 -26.06
N LEU A 295 -10.72 -7.75 -25.33
CA LEU A 295 -12.03 -8.38 -25.13
C LEU A 295 -12.74 -8.69 -26.48
N GLY A 296 -13.51 -9.78 -26.51
CA GLY A 296 -14.29 -10.19 -27.70
C GLY A 296 -15.61 -9.46 -27.80
N VAL A 297 -16.50 -9.93 -28.69
CA VAL A 297 -17.78 -9.23 -28.91
C VAL A 297 -18.84 -9.46 -27.81
N THR A 298 -18.83 -10.65 -27.19
CA THR A 298 -19.69 -10.94 -26.02
C THR A 298 -19.00 -10.56 -24.70
N GLY A 299 -17.67 -10.46 -24.74
CA GLY A 299 -16.84 -10.17 -23.57
C GLY A 299 -15.85 -11.30 -23.26
N VAL A 300 -15.39 -12.01 -24.30
CA VAL A 300 -14.44 -13.10 -24.13
C VAL A 300 -13.05 -12.66 -24.62
N ALA A 301 -12.22 -12.22 -23.66
CA ALA A 301 -10.83 -11.80 -23.92
C ALA A 301 -9.97 -12.95 -24.45
N GLY A 302 -9.10 -12.66 -25.41
CA GLY A 302 -8.27 -13.66 -26.04
C GLY A 302 -6.84 -13.62 -25.50
N GLU A 303 -5.89 -13.33 -26.39
CA GLU A 303 -4.46 -13.38 -26.08
C GLU A 303 -3.94 -12.08 -25.47
N PRO A 304 -3.25 -12.18 -24.33
CA PRO A 304 -2.49 -11.05 -23.80
C PRO A 304 -1.43 -10.57 -24.81
N LEU A 305 -1.57 -9.31 -25.24
CA LEU A 305 -0.68 -8.73 -26.22
C LEU A 305 0.66 -8.47 -25.55
N PRO A 306 1.79 -8.74 -26.27
CA PRO A 306 3.12 -8.50 -25.68
C PRO A 306 3.30 -7.04 -25.22
N VAL A 307 4.16 -6.83 -24.23
CA VAL A 307 4.53 -5.50 -23.71
C VAL A 307 6.05 -5.52 -23.50
N ASP A 308 6.74 -4.47 -23.92
CA ASP A 308 8.21 -4.47 -23.89
C ASP A 308 8.79 -3.17 -23.35
N SER A 309 7.91 -2.20 -23.14
CA SER A 309 8.24 -1.04 -22.35
C SER A 309 6.95 -0.42 -21.82
N GLU A 310 7.09 0.55 -20.92
CA GLU A 310 5.91 1.28 -20.47
C GLU A 310 5.18 1.91 -21.65
N LYS A 311 5.93 2.25 -22.71
CA LYS A 311 5.38 2.85 -23.94
C LYS A 311 4.19 2.06 -24.46
N ASP A 312 4.44 0.81 -24.83
CA ASP A 312 3.41 -0.07 -25.38
C ASP A 312 2.07 0.11 -24.71
N ILE A 313 1.99 -0.17 -23.41
CA ILE A 313 0.70 -0.18 -22.72
C ILE A 313 -0.25 0.91 -23.25
N PHE A 314 0.31 2.08 -23.57
CA PHE A 314 -0.47 3.25 -23.99
C PHE A 314 -0.99 3.19 -25.45
N ASP A 315 -0.12 2.76 -26.37
CA ASP A 315 -0.47 2.52 -27.79
C ASP A 315 -1.75 1.70 -27.91
N TYR A 316 -1.81 0.58 -27.19
CA TYR A 316 -2.90 -0.38 -27.28
C TYR A 316 -4.27 0.17 -26.85
N ILE A 317 -4.29 1.14 -25.93
CA ILE A 317 -5.57 1.80 -25.55
C ILE A 317 -5.69 3.22 -26.13
N GLN A 318 -4.74 3.55 -27.01
CA GLN A 318 -4.68 4.84 -27.70
C GLN A 318 -4.54 5.97 -26.69
N TRP A 319 -3.34 6.11 -26.14
CA TRP A 319 -3.03 7.24 -25.27
C TRP A 319 -1.63 7.75 -25.37
N LYS A 320 -1.49 9.04 -25.05
CA LYS A 320 -0.21 9.74 -25.05
C LYS A 320 0.47 9.50 -23.73
N TYR A 321 1.62 8.85 -23.80
CA TYR A 321 2.40 8.50 -22.64
C TYR A 321 2.44 9.59 -21.63
N ARG A 322 1.82 9.37 -20.49
CA ARG A 322 1.89 10.26 -19.33
C ARG A 322 3.14 9.92 -18.51
N GLU A 323 3.95 10.94 -18.21
CA GLU A 323 5.13 10.79 -17.38
C GLU A 323 4.70 10.46 -15.97
N PRO A 324 5.41 9.53 -15.28
CA PRO A 324 5.04 9.17 -13.90
C PRO A 324 4.87 10.43 -13.01
N LYS A 325 5.62 11.49 -13.32
CA LYS A 325 5.59 12.76 -12.58
C LYS A 325 4.17 13.25 -12.26
N ASP A 326 3.27 13.10 -13.22
CA ASP A 326 1.88 13.55 -13.07
C ASP A 326 0.90 12.41 -13.42
N ARG A 327 0.93 11.36 -12.61
CA ARG A 327 -0.01 10.25 -12.73
C ARG A 327 -0.92 10.17 -11.50
N SER A 328 -1.19 11.33 -10.91
CA SER A 328 -2.15 11.42 -9.80
C SER A 328 -3.55 11.06 -10.32
N GLU A 329 -3.86 11.58 -11.52
CA GLU A 329 -5.12 11.36 -12.22
C GLU A 329 -4.89 11.65 -13.70
#